data_1MXP
#
_entry.id   1MXP
#
_entity_poly.entity_id   1
_entity_poly.type   'polypeptide(L)'
_entity_poly.pdbx_seq_one_letter_code
;GCCSYPPCFATNPDC(NH2)
;
_entity_poly.pdbx_strand_id   A
#
loop_
_chem_comp.id
_chem_comp.type
_chem_comp.name
_chem_comp.formula
NH2 non-polymer 'AMINO GROUP' 'H2 N'
#
# COMPACT_ATOMS: atom_id res chain seq x y z
N GLY A 1 3.44 -0.09 -4.75
CA GLY A 1 3.57 1.38 -4.52
C GLY A 1 2.22 2.09 -4.72
N CYS A 2 1.15 1.33 -4.59
CA CYS A 2 -0.22 1.88 -4.76
C CYS A 2 -0.47 3.08 -3.81
N CYS A 3 -0.12 2.84 -2.57
CA CYS A 3 -0.23 3.78 -1.43
C CYS A 3 1.10 4.44 -1.08
N SER A 4 1.21 5.69 -1.48
CA SER A 4 2.43 6.51 -1.24
C SER A 4 2.68 6.71 0.27
N TYR A 5 1.60 6.96 0.94
CA TYR A 5 1.58 7.20 2.41
C TYR A 5 2.20 6.03 3.21
N PRO A 6 2.67 6.28 4.41
CA PRO A 6 3.21 5.21 5.30
C PRO A 6 2.23 4.05 5.61
N PRO A 7 1.04 4.33 6.14
CA PRO A 7 0.12 3.27 6.65
C PRO A 7 -0.49 2.50 5.46
N CYS A 8 0.16 1.41 5.15
CA CYS A 8 -0.28 0.52 4.04
C CYS A 8 0.21 -0.88 4.50
N PHE A 9 -0.55 -1.95 4.40
CA PHE A 9 0.02 -3.27 4.87
C PHE A 9 1.17 -3.68 3.94
N ALA A 10 0.86 -4.10 2.75
CA ALA A 10 1.87 -4.51 1.75
C ALA A 10 2.36 -3.22 1.12
N THR A 11 1.42 -2.55 0.48
CA THR A 11 1.71 -1.27 -0.20
C THR A 11 0.40 -0.57 -0.62
N ASN A 12 -0.62 -0.81 0.17
CA ASN A 12 -1.98 -0.21 -0.08
C ASN A 12 -2.92 -0.65 1.05
N PRO A 13 -4.04 0.02 1.24
CA PRO A 13 -5.28 -0.62 1.77
C PRO A 13 -5.71 -1.93 1.06
N ASP A 14 -5.15 -2.22 -0.09
CA ASP A 14 -5.53 -3.46 -0.84
C ASP A 14 -4.54 -3.85 -1.97
N CYS A 15 -3.27 -4.03 -1.64
CA CYS A 15 -2.24 -4.41 -2.62
C CYS A 15 -1.19 -5.36 -2.02
N NH2 A 16 -1.58 -6.48 -1.47
HN1 NH2 A 16 -2.54 -6.70 -1.45
HN2 NH2 A 16 -0.93 -7.10 -1.09
N GLY A 1 4.66 2.11 -6.32
CA GLY A 1 4.21 2.58 -4.98
C GLY A 1 2.72 2.93 -5.04
N CYS A 2 1.91 1.90 -5.00
CA CYS A 2 0.43 2.06 -5.04
C CYS A 2 -0.06 3.04 -3.96
N CYS A 3 0.13 2.65 -2.74
CA CYS A 3 -0.27 3.47 -1.56
C CYS A 3 0.90 4.37 -1.14
N SER A 4 0.80 5.61 -1.53
CA SER A 4 1.84 6.64 -1.24
C SER A 4 2.08 6.83 0.26
N TYR A 5 1.06 6.55 1.03
CA TYR A 5 1.15 6.69 2.52
C TYR A 5 2.18 5.70 3.12
N PRO A 6 2.82 6.07 4.20
CA PRO A 6 3.60 5.10 5.03
C PRO A 6 2.72 3.97 5.63
N PRO A 7 1.70 4.27 6.42
CA PRO A 7 0.81 3.21 7.00
C PRO A 7 -0.19 2.75 5.93
N CYS A 8 0.12 1.63 5.34
CA CYS A 8 -0.77 1.04 4.27
C CYS A 8 -1.18 -0.40 4.58
N PHE A 9 -2.31 -0.75 4.01
CA PHE A 9 -2.92 -2.10 4.17
C PHE A 9 -2.39 -3.00 3.03
N ALA A 10 -1.09 -2.96 2.86
CA ALA A 10 -0.39 -3.76 1.81
C ALA A 10 -0.75 -5.25 1.76
N THR A 11 -1.32 -5.76 2.83
CA THR A 11 -1.71 -7.20 2.90
C THR A 11 -3.09 -7.44 2.26
N ASN A 12 -3.33 -6.69 1.21
CA ASN A 12 -4.60 -6.77 0.45
C ASN A 12 -4.31 -6.74 -1.07
N PRO A 13 -5.20 -7.31 -1.86
CA PRO A 13 -5.05 -7.34 -3.35
C PRO A 13 -5.24 -5.92 -3.93
N ASP A 14 -6.42 -5.40 -3.74
CA ASP A 14 -6.76 -4.04 -4.24
C ASP A 14 -6.21 -2.98 -3.27
N CYS A 15 -4.94 -2.67 -3.48
CA CYS A 15 -4.23 -1.67 -2.66
C CYS A 15 -4.76 -0.24 -2.85
N NH2 A 16 -5.78 -0.03 -3.64
HN1 NH2 A 16 -6.19 -0.78 -4.11
HN2 NH2 A 16 -6.13 0.87 -3.77
N GLY A 1 4.70 0.94 -4.68
CA GLY A 1 4.25 1.97 -3.70
C GLY A 1 2.89 2.54 -4.12
N CYS A 2 1.99 1.65 -4.48
CA CYS A 2 0.61 2.03 -4.92
C CYS A 2 -0.03 3.02 -3.93
N CYS A 3 0.15 2.72 -2.66
CA CYS A 3 -0.40 3.57 -1.56
C CYS A 3 0.77 4.48 -1.15
N SER A 4 0.65 5.73 -1.51
CA SER A 4 1.67 6.78 -1.22
C SER A 4 2.08 6.86 0.25
N TYR A 5 1.08 6.75 1.07
CA TYR A 5 1.26 6.79 2.55
C TYR A 5 2.15 5.64 3.08
N PRO A 6 2.96 5.91 4.08
CA PRO A 6 3.65 4.84 4.85
C PRO A 6 2.67 3.82 5.50
N PRO A 7 1.71 4.24 6.29
CA PRO A 7 0.72 3.32 6.92
C PRO A 7 -0.26 2.83 5.85
N CYS A 8 0.01 1.65 5.38
CA CYS A 8 -0.84 1.02 4.33
C CYS A 8 -0.85 -0.50 4.42
N PHE A 9 -1.76 -1.05 3.65
CA PHE A 9 -1.95 -2.52 3.58
C PHE A 9 -0.69 -3.14 2.98
N ALA A 10 -0.35 -4.28 3.48
CA ALA A 10 0.86 -5.03 3.01
C ALA A 10 0.92 -5.16 1.49
N THR A 11 0.06 -5.99 0.94
CA THR A 11 0.01 -6.21 -0.54
C THR A 11 -1.41 -6.61 -0.95
N ASN A 12 -2.19 -5.61 -1.28
CA ASN A 12 -3.61 -5.84 -1.70
C ASN A 12 -3.63 -5.93 -3.25
N PRO A 13 -4.35 -6.87 -3.83
CA PRO A 13 -4.43 -7.02 -5.31
C PRO A 13 -4.91 -5.72 -5.95
N ASP A 14 -6.10 -5.32 -5.57
CA ASP A 14 -6.71 -4.07 -6.10
C ASP A 14 -6.31 -2.96 -5.11
N CYS A 15 -5.02 -2.77 -5.01
CA CYS A 15 -4.42 -1.76 -4.10
C CYS A 15 -5.05 -0.36 -4.25
N NH2 A 16 -5.20 0.38 -3.19
HN1 NH2 A 16 -4.90 0.06 -2.32
HN2 NH2 A 16 -5.59 1.28 -3.27
N GLY A 1 3.22 4.72 -6.92
CA GLY A 1 3.10 3.51 -6.04
C GLY A 1 1.73 3.51 -5.36
N CYS A 2 1.19 2.32 -5.21
CA CYS A 2 -0.15 2.14 -4.56
C CYS A 2 -0.16 2.85 -3.20
N CYS A 3 0.79 2.45 -2.39
CA CYS A 3 0.93 3.00 -1.01
C CYS A 3 1.70 4.34 -1.01
N SER A 4 0.98 5.39 -1.34
CA SER A 4 1.57 6.74 -1.38
C SER A 4 2.06 7.13 0.03
N TYR A 5 1.16 7.00 0.98
CA TYR A 5 1.43 7.32 2.40
C TYR A 5 1.92 6.02 3.11
N PRO A 6 2.80 6.13 4.07
CA PRO A 6 3.45 4.94 4.70
C PRO A 6 2.48 3.84 5.21
N PRO A 7 1.53 4.17 6.06
CA PRO A 7 0.70 3.15 6.78
C PRO A 7 -0.39 2.57 5.86
N CYS A 8 -0.02 1.51 5.17
CA CYS A 8 -0.94 0.81 4.24
C CYS A 8 -1.25 -0.63 4.64
N PHE A 9 -2.07 -1.24 3.81
CA PHE A 9 -2.52 -2.64 3.99
C PHE A 9 -1.35 -3.65 4.01
N ALA A 10 -1.30 -4.50 3.02
CA ALA A 10 -0.23 -5.53 2.88
C ALA A 10 1.14 -4.84 2.80
N THR A 11 1.13 -3.74 2.09
CA THR A 11 2.34 -2.89 1.87
C THR A 11 3.45 -3.70 1.17
N ASN A 12 3.05 -4.39 0.13
CA ASN A 12 3.98 -5.23 -0.67
C ASN A 12 4.52 -4.42 -1.88
N PRO A 13 5.70 -4.78 -2.36
CA PRO A 13 6.30 -4.13 -3.56
C PRO A 13 5.40 -4.34 -4.78
N ASP A 14 4.93 -5.55 -4.90
CA ASP A 14 4.03 -5.93 -6.04
C ASP A 14 2.57 -5.71 -5.60
N CYS A 15 2.31 -4.51 -5.14
CA CYS A 15 0.95 -4.11 -4.67
C CYS A 15 -0.10 -4.26 -5.77
N NH2 A 16 0.22 -3.99 -7.01
HN1 NH2 A 16 1.14 -3.70 -7.21
HN2 NH2 A 16 -0.43 -4.08 -7.72
N GLY A 1 5.35 2.57 -3.55
CA GLY A 1 5.09 1.09 -3.51
C GLY A 1 3.73 0.78 -4.13
N CYS A 2 2.74 1.53 -3.70
CA CYS A 2 1.34 1.35 -4.19
C CYS A 2 0.47 2.50 -3.69
N CYS A 3 0.50 2.66 -2.39
CA CYS A 3 -0.30 3.73 -1.70
C CYS A 3 0.58 4.97 -1.45
N SER A 4 -0.08 6.10 -1.29
CA SER A 4 0.61 7.39 -1.05
C SER A 4 1.42 7.39 0.25
N TYR A 5 0.79 6.94 1.29
CA TYR A 5 1.43 6.87 2.63
C TYR A 5 2.20 5.55 2.83
N PRO A 6 3.17 5.55 3.73
CA PRO A 6 3.81 4.28 4.21
C PRO A 6 2.84 3.31 4.94
N PRO A 7 2.19 3.72 6.03
CA PRO A 7 1.30 2.82 6.82
C PRO A 7 -0.08 2.67 6.15
N CYS A 8 -0.10 1.93 5.07
CA CYS A 8 -1.33 1.67 4.29
C CYS A 8 -1.72 0.20 4.36
N PHE A 9 -2.81 -0.13 3.69
CA PHE A 9 -3.31 -1.53 3.66
C PHE A 9 -2.27 -2.36 2.90
N ALA A 10 -1.69 -1.68 1.93
CA ALA A 10 -0.66 -2.25 1.06
C ALA A 10 0.69 -2.40 1.73
N THR A 11 0.73 -3.38 2.60
CA THR A 11 2.00 -3.66 3.35
C THR A 11 2.90 -4.61 2.53
N ASN A 12 2.61 -4.57 1.25
CA ASN A 12 3.22 -5.33 0.11
C ASN A 12 2.24 -6.28 -0.62
N PRO A 13 1.46 -7.06 0.09
CA PRO A 13 0.61 -8.12 -0.51
C PRO A 13 -0.66 -7.55 -1.16
N ASP A 14 -1.32 -6.70 -0.40
CA ASP A 14 -2.58 -6.05 -0.86
C ASP A 14 -2.36 -4.79 -1.71
N CYS A 15 -2.77 -4.87 -2.95
CA CYS A 15 -2.63 -3.74 -3.92
C CYS A 15 -3.21 -4.17 -5.28
N NH2 A 16 -2.96 -5.37 -5.71
HN1 NH2 A 16 -2.42 -5.99 -5.18
HN2 NH2 A 16 -3.32 -5.66 -6.59
N GLY A 1 2.07 4.70 -7.54
CA GLY A 1 1.12 3.70 -8.11
C GLY A 1 0.42 2.95 -6.98
N CYS A 2 1.21 2.45 -6.07
CA CYS A 2 0.69 1.69 -4.90
C CYS A 2 0.10 2.67 -3.86
N CYS A 3 0.43 2.50 -2.61
CA CYS A 3 -0.09 3.39 -1.52
C CYS A 3 1.02 4.39 -1.15
N SER A 4 0.75 5.64 -1.45
CA SER A 4 1.69 6.77 -1.18
C SER A 4 2.11 6.86 0.30
N TYR A 5 1.11 6.73 1.12
CA TYR A 5 1.29 6.81 2.59
C TYR A 5 2.23 5.71 3.14
N PRO A 6 2.95 5.99 4.21
CA PRO A 6 3.60 4.92 5.02
C PRO A 6 2.61 3.90 5.64
N PRO A 7 1.62 4.32 6.40
CA PRO A 7 0.62 3.38 7.01
C PRO A 7 -0.30 2.87 5.89
N CYS A 8 -0.03 1.66 5.49
CA CYS A 8 -0.82 1.01 4.40
C CYS A 8 -1.02 -0.49 4.66
N PHE A 9 -1.71 -1.10 3.73
CA PHE A 9 -2.02 -2.55 3.80
C PHE A 9 -0.73 -3.38 3.74
N ALA A 10 -0.70 -4.37 4.58
CA ALA A 10 0.46 -5.29 4.68
C ALA A 10 0.61 -6.14 3.41
N THR A 11 -0.51 -6.64 2.93
CA THR A 11 -0.52 -7.51 1.71
C THR A 11 -1.90 -7.43 1.01
N ASN A 12 -2.00 -6.52 0.08
CA ASN A 12 -3.27 -6.32 -0.69
C ASN A 12 -2.90 -6.28 -2.19
N PRO A 13 -3.63 -6.99 -3.03
CA PRO A 13 -3.32 -7.08 -4.49
C PRO A 13 -3.18 -5.70 -5.15
N ASP A 14 -4.08 -4.81 -4.79
CA ASP A 14 -4.05 -3.43 -5.36
C ASP A 14 -2.81 -2.69 -4.83
N CYS A 15 -1.84 -2.56 -5.71
CA CYS A 15 -0.56 -1.88 -5.39
C CYS A 15 0.28 -1.74 -6.68
N NH2 A 16 0.43 -2.80 -7.43
HN1 NH2 A 16 0.03 -3.65 -7.17
HN2 NH2 A 16 0.97 -2.74 -8.25
N GLY A 1 3.30 4.91 -6.48
CA GLY A 1 3.32 3.43 -6.53
C GLY A 1 2.01 2.87 -5.97
N CYS A 2 2.14 1.90 -5.11
CA CYS A 2 0.96 1.25 -4.48
C CYS A 2 0.08 2.29 -3.73
N CYS A 3 0.53 2.63 -2.54
CA CYS A 3 -0.16 3.62 -1.66
C CYS A 3 0.80 4.80 -1.42
N SER A 4 0.23 5.98 -1.29
CA SER A 4 1.03 7.21 -1.06
C SER A 4 1.75 7.22 0.30
N TYR A 5 0.98 6.99 1.33
CA TYR A 5 1.52 6.98 2.72
C TYR A 5 2.29 5.69 3.04
N PRO A 6 3.20 5.75 4.01
CA PRO A 6 3.77 4.52 4.64
C PRO A 6 2.72 3.58 5.30
N PRO A 7 1.92 4.04 6.24
CA PRO A 7 0.87 3.19 6.89
C PRO A 7 -0.23 2.89 5.85
N CYS A 8 -0.15 1.69 5.34
CA CYS A 8 -1.13 1.22 4.31
C CYS A 8 -1.35 -0.30 4.43
N PHE A 9 -2.00 -0.83 3.43
CA PHE A 9 -2.31 -2.29 3.33
C PHE A 9 -1.05 -3.15 3.10
N ALA A 10 -0.36 -3.41 4.19
CA ALA A 10 0.89 -4.23 4.17
C ALA A 10 0.79 -5.57 3.43
N THR A 11 -0.42 -6.04 3.25
CA THR A 11 -0.66 -7.35 2.55
C THR A 11 -1.89 -7.25 1.63
N ASN A 12 -1.64 -6.74 0.45
CA ASN A 12 -2.72 -6.58 -0.58
C ASN A 12 -2.17 -6.99 -1.96
N PRO A 13 -2.90 -7.81 -2.69
CA PRO A 13 -2.44 -8.33 -4.02
C PRO A 13 -2.30 -7.19 -5.04
N ASP A 14 -3.34 -6.39 -5.12
CA ASP A 14 -3.36 -5.23 -6.07
C ASP A 14 -2.74 -4.01 -5.35
N CYS A 15 -1.50 -4.18 -4.98
CA CYS A 15 -0.73 -3.12 -4.27
C CYS A 15 -0.64 -1.85 -5.14
N NH2 A 16 0.25 -1.79 -6.10
HN1 NH2 A 16 0.86 -2.54 -6.25
HN2 NH2 A 16 0.31 -1.00 -6.66
N GLY A 1 4.03 2.35 -6.67
CA GLY A 1 3.81 2.62 -5.22
C GLY A 1 2.39 3.12 -4.99
N CYS A 2 1.45 2.20 -5.14
CA CYS A 2 0.01 2.51 -4.95
C CYS A 2 -0.27 3.29 -3.66
N CYS A 3 0.08 2.69 -2.55
CA CYS A 3 -0.13 3.34 -1.22
C CYS A 3 1.12 4.17 -0.88
N SER A 4 1.17 5.31 -1.51
CA SER A 4 2.30 6.28 -1.33
C SER A 4 2.52 6.62 0.15
N TYR A 5 1.41 6.76 0.82
CA TYR A 5 1.40 7.09 2.27
C TYR A 5 1.98 5.92 3.10
N PRO A 6 2.69 6.22 4.17
CA PRO A 6 3.33 5.18 5.03
C PRO A 6 2.37 4.07 5.52
N PRO A 7 1.26 4.41 6.15
CA PRO A 7 0.35 3.41 6.77
C PRO A 7 -0.37 2.61 5.66
N CYS A 8 0.14 1.43 5.43
CA CYS A 8 -0.43 0.53 4.38
C CYS A 8 -0.62 -0.87 4.95
N PHE A 9 -1.46 -1.61 4.27
CA PHE A 9 -1.78 -3.00 4.66
C PHE A 9 -0.58 -3.94 4.40
N ALA A 10 -0.85 -5.00 3.68
CA ALA A 10 0.18 -6.00 3.33
C ALA A 10 1.03 -5.50 2.15
N THR A 11 0.59 -5.81 0.96
CA THR A 11 1.28 -5.41 -0.32
C THR A 11 0.57 -6.11 -1.49
N ASN A 12 -0.72 -5.88 -1.58
CA ASN A 12 -1.55 -6.49 -2.67
C ASN A 12 -1.00 -6.13 -4.07
N PRO A 13 -1.18 -6.99 -5.05
CA PRO A 13 -0.55 -6.84 -6.39
C PRO A 13 -1.12 -5.63 -7.12
N ASP A 14 -2.39 -5.72 -7.43
CA ASP A 14 -3.12 -4.64 -8.14
C ASP A 14 -3.69 -3.62 -7.13
N CYS A 15 -2.86 -3.28 -6.18
CA CYS A 15 -3.23 -2.32 -5.12
C CYS A 15 -3.44 -0.90 -5.67
N NH2 A 16 -3.95 0.01 -4.87
HN1 NH2 A 16 -4.20 -0.23 -3.95
HN2 NH2 A 16 -4.09 0.92 -5.20
N GLY A 1 4.24 1.97 -0.42
CA GLY A 1 4.58 2.05 -1.87
C GLY A 1 3.28 2.18 -2.68
N CYS A 2 2.49 1.13 -2.63
CA CYS A 2 1.19 1.06 -3.35
C CYS A 2 0.30 2.27 -3.02
N CYS A 3 0.49 2.80 -1.83
CA CYS A 3 -0.27 3.97 -1.32
C CYS A 3 0.67 5.17 -1.15
N SER A 4 0.13 6.35 -1.30
CA SER A 4 0.93 7.60 -1.16
C SER A 4 1.65 7.60 0.20
N TYR A 5 0.92 7.19 1.20
CA TYR A 5 1.46 7.13 2.59
C TYR A 5 2.01 5.70 2.82
N PRO A 6 3.11 5.58 3.52
CA PRO A 6 3.70 4.25 3.85
C PRO A 6 2.72 3.28 4.54
N PRO A 7 2.08 3.66 5.63
CA PRO A 7 1.23 2.74 6.44
C PRO A 7 -0.16 2.52 5.81
N CYS A 8 -0.18 1.73 4.76
CA CYS A 8 -1.46 1.42 4.05
C CYS A 8 -1.25 0.00 3.49
N PHE A 9 -2.10 -0.94 3.80
CA PHE A 9 -1.87 -2.31 3.22
C PHE A 9 -3.26 -2.85 2.87
N ALA A 10 -3.88 -2.15 1.95
CA ALA A 10 -5.25 -2.50 1.45
C ALA A 10 -5.41 -3.94 0.97
N THR A 11 -4.31 -4.59 0.70
CA THR A 11 -4.32 -6.01 0.22
C THR A 11 -5.17 -6.12 -1.04
N ASN A 12 -4.74 -5.38 -2.03
CA ASN A 12 -5.45 -5.35 -3.34
C ASN A 12 -4.66 -4.78 -4.53
N PRO A 13 -3.99 -3.66 -4.39
CA PRO A 13 -3.29 -2.99 -5.52
C PRO A 13 -2.03 -3.80 -5.84
N ASP A 14 -1.22 -3.95 -4.82
CA ASP A 14 0.07 -4.70 -4.92
C ASP A 14 0.71 -4.75 -3.53
N CYS A 15 -0.15 -4.82 -2.56
CA CYS A 15 0.22 -4.87 -1.14
C CYS A 15 -0.85 -5.60 -0.31
N NH2 A 16 -1.02 -6.88 -0.51
HN1 NH2 A 16 -0.48 -7.35 -1.19
HN2 NH2 A 16 -1.69 -7.37 0.00
N GLY A 1 -1.65 3.36 -8.28
CA GLY A 1 -2.45 2.56 -7.29
C GLY A 1 -1.69 2.41 -5.98
N CYS A 2 -0.37 2.37 -6.08
CA CYS A 2 0.51 2.21 -4.89
C CYS A 2 0.18 3.14 -3.71
N CYS A 3 0.29 2.55 -2.54
CA CYS A 3 0.00 3.28 -1.27
C CYS A 3 1.24 4.11 -0.88
N SER A 4 1.32 5.27 -1.46
CA SER A 4 2.45 6.21 -1.22
C SER A 4 2.59 6.62 0.25
N TYR A 5 1.47 6.68 0.91
CA TYR A 5 1.43 7.07 2.36
C TYR A 5 2.11 5.98 3.23
N PRO A 6 2.63 6.34 4.39
CA PRO A 6 3.22 5.36 5.34
C PRO A 6 2.27 4.21 5.76
N PRO A 7 1.09 4.49 6.27
CA PRO A 7 0.16 3.43 6.76
C PRO A 7 -0.40 2.65 5.57
N CYS A 8 0.17 1.49 5.37
CA CYS A 8 -0.25 0.58 4.26
C CYS A 8 -0.34 -0.87 4.71
N PHE A 9 -0.83 -1.67 3.80
CA PHE A 9 -1.01 -3.12 4.03
C PHE A 9 0.36 -3.84 4.18
N ALA A 10 0.62 -4.77 3.31
CA ALA A 10 1.89 -5.55 3.33
C ALA A 10 3.05 -4.77 2.68
N THR A 11 2.82 -3.49 2.45
CA THR A 11 3.82 -2.57 1.84
C THR A 11 4.64 -3.26 0.71
N ASN A 12 3.90 -3.96 -0.12
CA ASN A 12 4.50 -4.71 -1.27
C ASN A 12 5.26 -3.74 -2.22
N PRO A 13 6.48 -4.06 -2.56
CA PRO A 13 7.31 -3.21 -3.48
C PRO A 13 6.73 -3.23 -4.90
N ASP A 14 6.20 -4.36 -5.29
CA ASP A 14 5.60 -4.52 -6.64
C ASP A 14 4.12 -4.09 -6.62
N CYS A 15 3.89 -3.01 -5.93
CA CYS A 15 2.53 -2.43 -5.77
C CYS A 15 1.90 -2.04 -7.12
N NH2 A 16 0.63 -1.71 -7.15
HN1 NH2 A 16 0.10 -1.74 -6.33
HN2 NH2 A 16 0.21 -1.46 -8.00
N GLY A 1 3.84 5.44 -5.66
CA GLY A 1 3.53 3.98 -5.54
C GLY A 1 2.03 3.78 -5.31
N CYS A 2 1.65 2.53 -5.17
CA CYS A 2 0.22 2.16 -4.94
C CYS A 2 -0.26 2.95 -3.71
N CYS A 3 0.33 2.62 -2.58
CA CYS A 3 0.00 3.28 -1.29
C CYS A 3 1.15 4.27 -0.98
N SER A 4 1.01 5.44 -1.52
CA SER A 4 2.01 6.53 -1.34
C SER A 4 2.26 6.84 0.14
N TYR A 5 1.21 6.76 0.91
CA TYR A 5 1.29 7.03 2.37
C TYR A 5 1.94 5.84 3.11
N PRO A 6 2.76 6.10 4.10
CA PRO A 6 3.46 5.03 4.87
C PRO A 6 2.53 3.93 5.46
N PRO A 7 1.52 4.30 6.23
CA PRO A 7 0.63 3.30 6.90
C PRO A 7 -0.26 2.66 5.82
N CYS A 8 0.11 1.48 5.43
CA CYS A 8 -0.63 0.71 4.39
C CYS A 8 -1.20 -0.60 4.96
N PHE A 9 -2.51 -0.67 4.91
CA PHE A 9 -3.27 -1.86 5.40
C PHE A 9 -2.72 -3.20 4.88
N ALA A 10 -2.59 -3.27 3.57
CA ALA A 10 -2.08 -4.50 2.90
C ALA A 10 -0.61 -4.76 3.28
N THR A 11 0.08 -3.67 3.53
CA THR A 11 1.53 -3.72 3.92
C THR A 11 2.31 -4.42 2.79
N ASN A 12 1.80 -4.19 1.61
CA ASN A 12 2.33 -4.73 0.35
C ASN A 12 2.65 -3.56 -0.61
N PRO A 13 3.42 -3.83 -1.65
CA PRO A 13 3.50 -2.92 -2.83
C PRO A 13 2.14 -2.89 -3.53
N ASP A 14 1.49 -4.02 -3.49
CA ASP A 14 0.15 -4.21 -4.09
C ASP A 14 -0.93 -3.89 -3.05
N CYS A 15 -1.11 -2.62 -2.78
CA CYS A 15 -2.11 -2.17 -1.81
C CYS A 15 -3.53 -2.51 -2.29
N NH2 A 16 -3.97 -2.01 -3.40
HN1 NH2 A 16 -3.39 -1.42 -3.95
HN2 NH2 A 16 -4.87 -2.22 -3.72
N GLY A 1 4.18 2.10 -4.79
CA GLY A 1 3.30 2.65 -5.85
C GLY A 1 1.97 3.09 -5.24
N CYS A 2 1.03 2.18 -5.24
CA CYS A 2 -0.32 2.46 -4.67
C CYS A 2 -0.23 2.97 -3.22
N CYS A 3 0.77 2.51 -2.52
CA CYS A 3 0.99 2.92 -1.11
C CYS A 3 1.77 4.24 -1.04
N SER A 4 1.08 5.30 -1.41
CA SER A 4 1.67 6.66 -1.39
C SER A 4 2.04 7.07 0.04
N TYR A 5 1.14 6.79 0.93
CA TYR A 5 1.32 7.10 2.38
C TYR A 5 2.06 5.93 3.07
N PRO A 6 2.74 6.19 4.16
CA PRO A 6 3.43 5.11 4.94
C PRO A 6 2.49 3.97 5.42
N PRO A 7 1.46 4.26 6.18
CA PRO A 7 0.61 3.22 6.82
C PRO A 7 -0.34 2.62 5.77
N CYS A 8 0.04 1.49 5.24
CA CYS A 8 -0.80 0.81 4.20
C CYS A 8 -1.19 -0.62 4.56
N PHE A 9 -2.48 -0.83 4.49
CA PHE A 9 -3.14 -2.15 4.78
C PHE A 9 -2.84 -3.11 3.61
N ALA A 10 -2.30 -2.54 2.57
CA ALA A 10 -1.95 -3.26 1.32
C ALA A 10 -1.14 -4.55 1.50
N THR A 11 -1.88 -5.60 1.77
CA THR A 11 -1.26 -6.95 1.95
C THR A 11 -1.30 -7.71 0.61
N ASN A 12 -1.36 -6.89 -0.42
CA ASN A 12 -1.42 -7.22 -1.89
C ASN A 12 -2.76 -6.90 -2.61
N PRO A 13 -3.88 -7.41 -2.12
CA PRO A 13 -5.12 -7.56 -2.94
C PRO A 13 -5.77 -6.23 -3.28
N ASP A 14 -5.84 -5.38 -2.29
CA ASP A 14 -6.45 -4.04 -2.48
C ASP A 14 -5.48 -2.98 -1.99
N CYS A 15 -5.29 -2.00 -2.83
CA CYS A 15 -4.38 -0.86 -2.55
C CYS A 15 -4.44 0.16 -3.69
N NH2 A 16 -4.62 1.42 -3.40
HN1 NH2 A 16 -4.73 1.70 -2.46
HN2 NH2 A 16 -4.67 2.08 -4.12
N GLY A 1 5.01 1.16 -6.27
CA GLY A 1 4.38 1.10 -4.94
C GLY A 1 2.88 0.79 -5.08
N CYS A 2 2.08 1.58 -4.40
CA CYS A 2 0.60 1.41 -4.43
C CYS A 2 -0.08 2.59 -3.72
N CYS A 3 0.20 2.68 -2.45
CA CYS A 3 -0.36 3.74 -1.56
C CYS A 3 0.79 4.70 -1.21
N SER A 4 0.54 5.97 -1.44
CA SER A 4 1.54 7.05 -1.18
C SER A 4 2.03 7.11 0.27
N TYR A 5 1.10 6.95 1.17
CA TYR A 5 1.42 6.99 2.62
C TYR A 5 2.18 5.73 3.07
N PRO A 6 3.03 5.84 4.08
CA PRO A 6 3.65 4.66 4.75
C PRO A 6 2.62 3.66 5.35
N PRO A 7 1.72 4.09 6.22
CA PRO A 7 0.73 3.17 6.87
C PRO A 7 -0.31 2.77 5.82
N CYS A 8 -0.02 1.69 5.17
CA CYS A 8 -0.91 1.14 4.10
C CYS A 8 -0.76 -0.39 4.05
N PHE A 9 -1.62 -1.02 3.28
CA PHE A 9 -1.58 -2.49 3.14
C PHE A 9 -0.44 -2.80 2.14
N ALA A 10 0.44 -3.68 2.53
CA ALA A 10 1.58 -4.07 1.67
C ALA A 10 1.17 -5.04 0.54
N THR A 11 0.31 -4.58 -0.35
CA THR A 11 -0.18 -5.44 -1.50
C THR A 11 -0.62 -6.81 -0.94
N ASN A 12 -1.26 -6.71 0.20
CA ASN A 12 -1.76 -7.91 0.92
C ASN A 12 -2.92 -8.68 0.27
N PRO A 13 -3.86 -8.00 -0.36
CA PRO A 13 -4.88 -8.66 -1.22
C PRO A 13 -4.16 -9.00 -2.54
N ASP A 14 -3.76 -7.92 -3.16
CA ASP A 14 -3.04 -7.85 -4.47
C ASP A 14 -3.40 -6.47 -5.03
N CYS A 15 -2.68 -5.47 -4.58
CA CYS A 15 -2.93 -4.07 -5.06
C CYS A 15 -3.12 -3.99 -6.59
N NH2 A 16 -4.06 -3.22 -7.07
HN1 NH2 A 16 -4.63 -2.71 -6.46
HN2 NH2 A 16 -4.19 -3.16 -8.04
N GLY A 1 1.78 5.47 -5.92
CA GLY A 1 0.39 5.14 -6.34
C GLY A 1 -0.19 4.11 -5.38
N CYS A 2 0.45 2.96 -5.34
CA CYS A 2 0.01 1.84 -4.46
C CYS A 2 -0.04 2.33 -3.00
N CYS A 3 1.12 2.43 -2.39
CA CYS A 3 1.22 2.89 -0.98
C CYS A 3 1.79 4.33 -0.98
N SER A 4 0.92 5.26 -1.27
CA SER A 4 1.30 6.69 -1.32
C SER A 4 1.85 7.16 0.05
N TYR A 5 1.10 6.83 1.07
CA TYR A 5 1.44 7.17 2.47
C TYR A 5 2.13 5.95 3.12
N PRO A 6 2.89 6.13 4.18
CA PRO A 6 3.55 4.99 4.88
C PRO A 6 2.57 3.88 5.37
N PRO A 7 1.57 4.20 6.16
CA PRO A 7 0.65 3.17 6.73
C PRO A 7 -0.34 2.72 5.64
N CYS A 8 -0.06 1.58 5.06
CA CYS A 8 -0.94 1.04 3.97
C CYS A 8 -1.42 -0.39 4.19
N PHE A 9 -2.28 -0.73 3.27
CA PHE A 9 -2.92 -2.07 3.21
C PHE A 9 -1.84 -3.13 2.95
N ALA A 10 -2.09 -4.28 3.54
CA ALA A 10 -1.18 -5.44 3.40
C ALA A 10 -0.91 -5.82 1.92
N THR A 11 -1.83 -6.55 1.34
CA THR A 11 -1.71 -6.97 -0.10
C THR A 11 -3.10 -7.00 -0.75
N ASN A 12 -3.71 -5.85 -0.75
CA ASN A 12 -5.08 -5.68 -1.34
C ASN A 12 -5.00 -5.46 -2.87
N PRO A 13 -6.06 -5.75 -3.58
CA PRO A 13 -6.13 -5.53 -5.07
C PRO A 13 -5.78 -4.08 -5.41
N ASP A 14 -6.22 -3.19 -4.55
CA ASP A 14 -5.95 -1.74 -4.75
C ASP A 14 -4.46 -1.49 -4.54
N CYS A 15 -3.78 -1.23 -5.63
CA CYS A 15 -2.31 -0.96 -5.60
C CYS A 15 -1.83 -0.54 -7.00
N NH2 A 16 -2.20 -1.24 -8.03
HN1 NH2 A 16 -2.77 -2.03 -7.90
HN2 NH2 A 16 -1.90 -0.99 -8.93
N GLY A 1 0.50 4.76 -7.36
CA GLY A 1 0.84 3.40 -7.84
C GLY A 1 0.37 2.32 -6.84
N CYS A 2 0.51 2.64 -5.58
CA CYS A 2 0.10 1.73 -4.49
C CYS A 2 -0.02 2.48 -3.14
N CYS A 3 1.00 2.41 -2.32
CA CYS A 3 1.00 3.09 -0.99
C CYS A 3 1.75 4.43 -0.98
N SER A 4 1.04 5.48 -1.33
CA SER A 4 1.63 6.85 -1.35
C SER A 4 2.09 7.25 0.06
N TYR A 5 1.20 7.07 1.00
CA TYR A 5 1.47 7.40 2.43
C TYR A 5 1.84 6.10 3.18
N PRO A 6 2.80 6.15 4.08
CA PRO A 6 3.43 4.91 4.65
C PRO A 6 2.45 3.82 5.16
N PRO A 7 1.53 4.13 6.05
CA PRO A 7 0.72 3.11 6.77
C PRO A 7 -0.41 2.53 5.88
N CYS A 8 -0.09 1.48 5.18
CA CYS A 8 -1.05 0.80 4.27
C CYS A 8 -1.24 -0.68 4.61
N PHE A 9 -2.00 -1.33 3.75
CA PHE A 9 -2.30 -2.77 3.91
C PHE A 9 -1.00 -3.59 3.92
N ALA A 10 -1.01 -4.56 4.78
CA ALA A 10 0.13 -5.51 5.00
C ALA A 10 0.65 -6.21 3.71
N THR A 11 1.41 -5.45 2.97
CA THR A 11 2.06 -5.88 1.68
C THR A 11 1.32 -7.02 0.92
N ASN A 12 0.05 -6.78 0.71
CA ASN A 12 -0.83 -7.76 0.01
C ASN A 12 -0.56 -7.71 -1.51
N PRO A 13 -0.74 -8.80 -2.21
CA PRO A 13 -0.40 -8.91 -3.67
C PRO A 13 -0.85 -7.69 -4.48
N ASP A 14 -2.10 -7.34 -4.30
CA ASP A 14 -2.67 -6.16 -5.03
C ASP A 14 -1.96 -4.89 -4.50
N CYS A 15 -1.23 -4.27 -5.38
CA CYS A 15 -0.46 -3.04 -5.06
C CYS A 15 0.09 -2.39 -6.32
N NH2 A 16 -0.57 -1.37 -6.85
HN1 NH2 A 16 -1.39 -1.05 -6.42
HN2 NH2 A 16 -0.23 -0.95 -7.66
N GLY A 1 -0.02 6.23 -7.08
CA GLY A 1 0.86 5.21 -6.44
C GLY A 1 0.06 4.39 -5.43
N CYS A 2 0.38 3.12 -5.36
CA CYS A 2 -0.31 2.19 -4.41
C CYS A 2 -0.18 2.69 -2.95
N CYS A 3 0.96 2.42 -2.37
CA CYS A 3 1.22 2.83 -0.96
C CYS A 3 1.92 4.20 -0.91
N SER A 4 1.24 5.19 -1.44
CA SER A 4 1.77 6.58 -1.46
C SER A 4 2.11 7.04 -0.03
N TYR A 5 1.20 6.74 0.86
CA TYR A 5 1.35 7.10 2.30
C TYR A 5 2.06 5.93 3.02
N PRO A 6 2.71 6.19 4.13
CA PRO A 6 3.37 5.11 4.93
C PRO A 6 2.41 3.98 5.42
N PRO A 7 1.34 4.28 6.13
CA PRO A 7 0.47 3.25 6.78
C PRO A 7 -0.46 2.59 5.74
N CYS A 8 0.05 1.56 5.13
CA CYS A 8 -0.70 0.79 4.09
C CYS A 8 -1.14 -0.60 4.53
N PHE A 9 -1.94 -1.18 3.67
CA PHE A 9 -2.50 -2.54 3.89
C PHE A 9 -1.39 -3.61 3.79
N ALA A 10 -1.61 -4.55 2.91
CA ALA A 10 -0.66 -5.65 2.68
C ALA A 10 0.50 -5.15 1.79
N THR A 11 0.32 -5.29 0.50
CA THR A 11 1.32 -4.87 -0.54
C THR A 11 0.89 -5.52 -1.88
N ASN A 12 -0.28 -5.16 -2.32
CA ASN A 12 -0.83 -5.71 -3.60
C ASN A 12 0.03 -5.27 -4.81
N PRO A 13 0.08 -6.08 -5.85
CA PRO A 13 0.59 -5.64 -7.18
C PRO A 13 -0.47 -4.74 -7.82
N ASP A 14 -1.62 -5.34 -8.08
CA ASP A 14 -2.76 -4.60 -8.70
C ASP A 14 -3.63 -4.09 -7.54
N CYS A 15 -3.06 -3.14 -6.84
CA CYS A 15 -3.71 -2.49 -5.68
C CYS A 15 -5.11 -1.95 -6.00
N NH2 A 16 -6.09 -2.21 -5.18
HN1 NH2 A 16 -5.93 -2.75 -4.37
HN2 NH2 A 16 -7.00 -1.89 -5.38
N GLY A 1 4.54 -0.22 -3.33
CA GLY A 1 4.50 0.76 -4.45
C GLY A 1 3.08 0.81 -5.03
N CYS A 2 2.21 1.49 -4.34
CA CYS A 2 0.79 1.63 -4.75
C CYS A 2 0.09 2.73 -3.93
N CYS A 3 0.26 2.66 -2.64
CA CYS A 3 -0.36 3.64 -1.70
C CYS A 3 0.74 4.66 -1.32
N SER A 4 0.41 5.91 -1.44
CA SER A 4 1.34 7.03 -1.12
C SER A 4 1.85 7.06 0.31
N TYR A 5 0.95 6.83 1.21
CA TYR A 5 1.28 6.83 2.66
C TYR A 5 2.16 5.63 3.07
N PRO A 6 3.02 5.79 4.06
CA PRO A 6 3.71 4.64 4.71
C PRO A 6 2.75 3.63 5.39
N PRO A 7 1.88 4.04 6.29
CA PRO A 7 0.96 3.11 7.01
C PRO A 7 -0.24 2.72 6.11
N CYS A 8 0.04 1.88 5.16
CA CYS A 8 -0.97 1.38 4.19
C CYS A 8 -1.09 -0.14 4.23
N PHE A 9 -2.14 -0.61 3.62
CA PHE A 9 -2.39 -2.06 3.57
C PHE A 9 -1.53 -2.52 2.38
N ALA A 10 -0.84 -3.61 2.56
CA ALA A 10 0.05 -4.15 1.48
C ALA A 10 -0.69 -4.24 0.13
N THR A 11 -1.51 -5.25 -0.01
CA THR A 11 -2.31 -5.48 -1.25
C THR A 11 -3.16 -6.74 -1.01
N ASN A 12 -3.57 -6.84 0.23
CA ASN A 12 -4.40 -7.98 0.71
C ASN A 12 -5.75 -8.18 -0.01
N PRO A 13 -6.41 -7.13 -0.43
CA PRO A 13 -7.49 -7.21 -1.43
C PRO A 13 -6.80 -7.35 -2.79
N ASP A 14 -6.12 -6.28 -3.13
CA ASP A 14 -5.35 -6.07 -4.39
C ASP A 14 -5.23 -4.54 -4.57
N CYS A 15 -4.31 -3.93 -3.87
CA CYS A 15 -4.12 -2.46 -3.98
C CYS A 15 -3.98 -2.01 -5.44
N NH2 A 16 -3.30 -2.76 -6.27
HN1 NH2 A 16 -2.89 -3.58 -5.95
HN2 NH2 A 16 -3.20 -2.49 -7.21
N GLY A 1 4.67 2.36 -6.22
CA GLY A 1 4.26 2.75 -4.84
C GLY A 1 2.79 3.15 -4.85
N CYS A 2 1.94 2.16 -5.04
CA CYS A 2 0.46 2.37 -5.07
C CYS A 2 0.00 3.20 -3.85
N CYS A 3 0.19 2.64 -2.69
CA CYS A 3 -0.20 3.33 -1.43
C CYS A 3 0.97 4.24 -1.02
N SER A 4 0.89 5.46 -1.51
CA SER A 4 1.91 6.50 -1.25
C SER A 4 2.17 6.75 0.23
N TYR A 5 1.10 6.73 0.97
CA TYR A 5 1.14 6.95 2.43
C TYR A 5 1.87 5.78 3.12
N PRO A 6 2.80 6.05 4.03
CA PRO A 6 3.56 4.97 4.73
C PRO A 6 2.66 3.90 5.41
N PRO A 7 1.68 4.28 6.20
CA PRO A 7 0.81 3.30 6.93
C PRO A 7 -0.22 2.72 5.94
N CYS A 8 0.08 1.54 5.47
CA CYS A 8 -0.81 0.82 4.50
C CYS A 8 -1.24 -0.54 5.07
N PHE A 9 -2.50 -0.83 4.85
CA PHE A 9 -3.10 -2.12 5.32
C PHE A 9 -2.47 -3.34 4.60
N ALA A 10 -3.18 -3.94 3.69
CA ALA A 10 -2.67 -5.12 2.93
C ALA A 10 -1.37 -4.79 2.19
N THR A 11 -1.20 -3.51 1.93
CA THR A 11 0.00 -2.98 1.22
C THR A 11 0.20 -3.71 -0.11
N ASN A 12 -0.87 -3.77 -0.86
CA ASN A 12 -0.86 -4.45 -2.18
C ASN A 12 -0.24 -3.52 -3.27
N PRO A 13 0.26 -4.11 -4.33
CA PRO A 13 0.61 -3.34 -5.57
C PRO A 13 -0.68 -2.70 -6.12
N ASP A 14 -1.76 -3.37 -5.86
CA ASP A 14 -3.11 -2.95 -6.29
C ASP A 14 -3.88 -2.51 -5.03
N CYS A 15 -3.23 -1.68 -4.25
CA CYS A 15 -3.83 -1.14 -2.98
C CYS A 15 -5.24 -0.59 -3.19
N NH2 A 16 -5.46 0.21 -4.21
HN1 NH2 A 16 -4.72 0.45 -4.81
HN2 NH2 A 16 -6.35 0.58 -4.36
N GLY A 1 -0.72 1.27 -9.05
CA GLY A 1 -0.99 2.60 -8.42
C GLY A 1 -1.06 2.45 -6.89
N CYS A 2 -0.13 1.71 -6.36
CA CYS A 2 -0.07 1.46 -4.89
C CYS A 2 0.09 2.72 -4.02
N CYS A 3 0.07 2.46 -2.73
CA CYS A 3 0.20 3.48 -1.65
C CYS A 3 1.37 4.46 -1.82
N SER A 4 1.32 5.49 -1.02
CA SER A 4 2.34 6.56 -0.99
C SER A 4 2.62 6.94 0.46
N TYR A 5 1.55 6.98 1.22
CA TYR A 5 1.61 7.32 2.66
C TYR A 5 2.14 6.11 3.47
N PRO A 6 2.69 6.35 4.64
CA PRO A 6 3.23 5.25 5.50
C PRO A 6 2.22 4.10 5.80
N PRO A 7 1.05 4.39 6.31
CA PRO A 7 0.14 3.36 6.90
C PRO A 7 -0.61 2.52 5.84
N CYS A 8 0.12 1.58 5.28
CA CYS A 8 -0.45 0.65 4.24
C CYS A 8 0.28 -0.70 4.31
N PHE A 9 -0.22 -1.65 3.54
CA PHE A 9 0.40 -3.00 3.51
C PHE A 9 1.62 -2.96 2.56
N ALA A 10 1.97 -1.78 2.12
CA ALA A 10 3.13 -1.60 1.19
C ALA A 10 4.42 -2.29 1.67
N THR A 11 4.45 -2.61 2.94
CA THR A 11 5.64 -3.29 3.54
C THR A 11 5.57 -4.81 3.33
N ASN A 12 5.06 -5.17 2.19
CA ASN A 12 4.89 -6.59 1.77
C ASN A 12 5.80 -6.81 0.55
N PRO A 13 6.17 -8.05 0.28
CA PRO A 13 7.14 -8.40 -0.80
C PRO A 13 6.92 -7.61 -2.10
N ASP A 14 5.68 -7.46 -2.47
CA ASP A 14 5.34 -6.71 -3.71
C ASP A 14 3.86 -6.34 -3.79
N CYS A 15 3.58 -5.10 -3.53
CA CYS A 15 2.18 -4.60 -3.57
C CYS A 15 1.52 -4.84 -4.94
N NH2 A 16 2.29 -4.90 -6.00
HN1 NH2 A 16 3.26 -4.78 -5.92
HN2 NH2 A 16 1.90 -5.06 -6.89
N GLY A 1 1.93 -2.17 -4.68
CA GLY A 1 2.45 -0.77 -4.59
C GLY A 1 1.28 0.19 -4.33
N CYS A 2 1.29 1.29 -5.05
CA CYS A 2 0.23 2.35 -4.94
C CYS A 2 0.08 2.95 -3.52
N CYS A 3 0.93 2.53 -2.61
CA CYS A 3 0.87 3.05 -1.21
C CYS A 3 1.58 4.41 -1.08
N SER A 4 0.81 5.45 -1.23
CA SER A 4 1.32 6.84 -1.14
C SER A 4 1.78 7.14 0.29
N TYR A 5 0.86 6.99 1.20
CA TYR A 5 1.13 7.24 2.65
C TYR A 5 1.74 5.97 3.24
N PRO A 6 2.79 6.07 4.05
CA PRO A 6 3.55 4.88 4.53
C PRO A 6 2.68 3.73 5.11
N PRO A 7 1.83 4.01 6.07
CA PRO A 7 1.11 2.94 6.83
C PRO A 7 -0.17 2.45 6.11
N CYS A 8 0.02 1.77 5.01
CA CYS A 8 -1.14 1.25 4.22
C CYS A 8 -1.53 -0.16 4.64
N PHE A 9 -2.70 -0.50 4.19
CA PHE A 9 -3.31 -1.81 4.45
C PHE A 9 -2.72 -2.76 3.40
N ALA A 10 -3.56 -3.59 2.84
CA ALA A 10 -3.13 -4.57 1.80
C ALA A 10 -2.64 -3.80 0.57
N THR A 11 -3.46 -2.86 0.16
CA THR A 11 -3.20 -1.98 -1.02
C THR A 11 -2.69 -2.83 -2.20
N ASN A 12 -3.52 -3.79 -2.52
CA ASN A 12 -3.23 -4.74 -3.62
C ASN A 12 -4.50 -5.38 -4.26
N PRO A 13 -5.50 -5.73 -3.48
CA PRO A 13 -6.83 -6.16 -4.02
C PRO A 13 -7.53 -4.91 -4.57
N ASP A 14 -7.42 -3.85 -3.82
CA ASP A 14 -8.03 -2.55 -4.20
C ASP A 14 -7.36 -1.45 -3.36
N CYS A 15 -6.45 -0.74 -3.98
CA CYS A 15 -5.71 0.35 -3.31
C CYS A 15 -6.65 1.51 -2.90
N NH2 A 16 -7.86 1.55 -3.38
HN1 NH2 A 16 -8.17 0.85 -4.01
HN2 NH2 A 16 -8.47 2.28 -3.13
#